data_5ISV
#
_entry.id   5ISV
#
_cell.length_a   40.222
_cell.length_b   41.785
_cell.length_c   46.404
_cell.angle_alpha   93.74
_cell.angle_beta   90.08
_cell.angle_gamma   116.52
#
_symmetry.space_group_name_H-M   'P 1'
#
loop_
_entity.id
_entity.type
_entity.pdbx_description
1 polymer 'Ribosomal-protein-alanine acetyltransferase'
2 water water
#
_entity_poly.entity_id   1
_entity_poly.type   'polypeptide(L)'
_entity_poly.pdbx_seq_one_letter_code
;MNTISSLETTDLPAAYHIEQRAHAFPWSEKTFASNQGERYLNFQLTQNGKMAAFAITQVVLDEATLFNIAVDPDYQRQGL
GRALLEHLIDELEKRGVATLWLEVRASNAAAIALYESLGFNEATIRRNYYPTTDGREDAIIMALPISMAGENLYFQSAGH
HHHHH
;
_entity_poly.pdbx_strand_id   A,B
#
# COMPACT_ATOMS: atom_id res chain seq x y z
N MET A 1 -14.36 12.73 29.22
CA MET A 1 -12.86 12.89 29.18
C MET A 1 -12.33 12.19 27.93
N ASN A 2 -11.56 12.91 27.12
CA ASN A 2 -10.88 12.38 25.94
C ASN A 2 -9.36 12.43 26.12
N THR A 3 -8.66 11.40 25.62
CA THR A 3 -7.22 11.31 25.66
C THR A 3 -6.74 10.86 24.29
N ILE A 4 -5.69 11.52 23.80
CA ILE A 4 -5.07 11.14 22.47
C ILE A 4 -3.72 10.52 22.79
N SER A 5 -3.44 9.37 22.17
CA SER A 5 -2.17 8.71 22.39
C SER A 5 -1.78 7.93 21.14
N SER A 6 -0.56 7.40 21.14
N SER A 6 -0.57 7.40 21.13
CA SER A 6 -0.12 6.51 20.06
CA SER A 6 -0.13 6.53 20.03
C SER A 6 -1.04 5.28 19.94
C SER A 6 -0.98 5.26 19.94
N LEU A 7 -1.33 4.87 18.72
CA LEU A 7 -2.04 3.65 18.45
C LEU A 7 -0.95 2.56 18.33
N GLU A 8 -0.91 1.65 19.29
CA GLU A 8 0.06 0.53 19.30
C GLU A 8 -0.51 -0.71 18.61
N THR A 9 0.36 -1.67 18.31
CA THR A 9 -0.11 -2.94 17.75
C THR A 9 -1.26 -3.63 18.53
N THR A 10 -1.17 -3.61 19.86
CA THR A 10 -2.21 -4.19 20.71
C THR A 10 -3.51 -3.38 20.74
N ASP A 11 -3.48 -2.18 20.15
CA ASP A 11 -4.66 -1.36 19.93
C ASP A 11 -5.36 -1.62 18.60
N LEU A 12 -4.72 -2.41 17.71
CA LEU A 12 -5.29 -2.61 16.38
C LEU A 12 -6.64 -3.38 16.43
N PRO A 13 -6.82 -4.35 17.34
CA PRO A 13 -8.16 -4.97 17.40
C PRO A 13 -9.30 -3.96 17.73
N ALA A 14 -9.05 -3.05 18.67
CA ALA A 14 -10.02 -2.02 18.95
C ALA A 14 -10.23 -1.10 17.74
N ALA A 15 -9.17 -0.80 16.97
CA ALA A 15 -9.35 0.05 15.80
C ALA A 15 -10.17 -0.68 14.75
N TYR A 16 -9.87 -1.96 14.51
CA TYR A 16 -10.66 -2.80 13.59
C TYR A 16 -12.17 -2.83 13.91
N HIS A 17 -12.49 -2.96 15.21
CA HIS A 17 -13.87 -2.95 15.69
C HIS A 17 -14.58 -1.61 15.31
N ILE A 18 -13.89 -0.49 15.47
CA ILE A 18 -14.42 0.82 15.02
C ILE A 18 -14.65 0.84 13.51
N GLU A 19 -13.66 0.37 12.77
CA GLU A 19 -13.76 0.35 11.32
C GLU A 19 -15.02 -0.42 10.82
N GLN A 20 -15.36 -1.56 11.45
CA GLN A 20 -16.58 -2.32 11.10
C GLN A 20 -17.88 -1.59 11.34
N ARG A 21 -17.88 -0.77 12.38
CA ARG A 21 -19.03 -0.03 12.78
C ARG A 21 -19.15 1.25 11.98
N ALA A 22 -18.01 1.85 11.62
CA ALA A 22 -17.96 3.18 11.00
C ALA A 22 -17.97 3.23 9.47
N HIS A 23 -17.35 2.25 8.86
CA HIS A 23 -17.15 2.30 7.39
C HIS A 23 -17.90 1.19 6.65
N ALA A 24 -18.60 1.55 5.57
CA ALA A 24 -19.27 0.58 4.67
C ALA A 24 -18.34 -0.29 3.83
N PHE A 25 -17.12 0.21 3.59
CA PHE A 25 -16.10 -0.47 2.77
C PHE A 25 -14.92 -0.62 3.72
N PRO A 26 -15.10 -1.45 4.76
CA PRO A 26 -14.09 -1.48 5.78
C PRO A 26 -12.81 -2.16 5.35
N TRP A 27 -11.74 -1.68 5.94
CA TRP A 27 -10.48 -2.36 5.94
C TRP A 27 -10.56 -3.78 6.53
N SER A 28 -9.79 -4.71 5.94
CA SER A 28 -9.57 -6.04 6.53
C SER A 28 -8.50 -6.00 7.62
N GLU A 29 -8.44 -7.07 8.42
CA GLU A 29 -7.49 -7.13 9.52
C GLU A 29 -6.07 -7.11 9.00
N LYS A 30 -5.85 -7.78 7.84
CA LYS A 30 -4.55 -7.80 7.20
C LYS A 30 -4.14 -6.41 6.71
N THR A 31 -5.08 -5.62 6.22
CA THR A 31 -4.76 -4.22 5.85
C THR A 31 -4.32 -3.41 7.05
N PHE A 32 -5.05 -3.55 8.17
CA PHE A 32 -4.58 -2.86 9.38
C PHE A 32 -3.18 -3.25 9.81
N ALA A 33 -2.92 -4.55 9.87
CA ALA A 33 -1.57 -5.05 10.17
C ALA A 33 -0.47 -4.56 9.22
N SER A 34 -0.85 -4.31 7.99
CA SER A 34 0.11 -3.84 6.98
C SER A 34 0.46 -2.37 7.20
N ASN A 35 -0.47 -1.60 7.75
CA ASN A 35 -0.33 -0.16 7.87
C ASN A 35 0.17 0.25 9.29
N GLN A 36 1.33 -0.28 9.66
N GLN A 36 1.30 -0.31 9.70
CA GLN A 36 1.98 0.05 10.92
CA GLN A 36 1.94 0.01 10.98
C GLN A 36 3.51 -0.08 10.79
C GLN A 36 3.46 -0.22 10.90
N GLY A 37 4.20 0.39 11.82
CA GLY A 37 5.67 0.25 11.93
C GLY A 37 6.41 1.57 11.86
N GLU A 38 7.70 1.53 11.52
CA GLU A 38 8.57 2.69 11.73
C GLU A 38 8.22 3.93 10.86
N ARG A 39 7.58 3.77 9.70
CA ARG A 39 7.15 4.96 8.92
C ARG A 39 5.81 5.53 9.38
N TYR A 40 5.07 4.78 10.21
CA TYR A 40 3.77 5.22 10.65
C TYR A 40 3.82 6.14 11.86
N LEU A 41 2.86 7.06 11.89
CA LEU A 41 2.59 7.91 13.06
C LEU A 41 1.09 7.82 13.30
N ASN A 42 0.69 6.72 13.94
CA ASN A 42 -0.71 6.40 14.12
C ASN A 42 -1.18 6.84 15.52
N PHE A 43 -2.40 7.32 15.58
CA PHE A 43 -2.98 7.89 16.85
C PHE A 43 -4.36 7.31 17.08
N GLN A 44 -4.74 7.32 18.38
CA GLN A 44 -6.09 6.92 18.82
C GLN A 44 -6.59 7.98 19.78
N LEU A 45 -7.91 8.14 19.78
CA LEU A 45 -8.57 9.02 20.78
C LEU A 45 -9.48 8.13 21.59
N THR A 46 -9.34 8.19 22.91
CA THR A 46 -10.16 7.37 23.81
C THR A 46 -11.06 8.35 24.59
N GLN A 47 -12.33 7.98 24.71
CA GLN A 47 -13.28 8.75 25.53
C GLN A 47 -13.74 7.81 26.63
N ASN A 48 -13.59 8.27 27.88
CA ASN A 48 -14.01 7.53 29.07
C ASN A 48 -13.66 6.06 29.01
N GLY A 49 -12.38 5.83 28.65
CA GLY A 49 -11.78 4.52 28.70
C GLY A 49 -11.95 3.65 27.47
N LYS A 50 -12.76 4.10 26.52
CA LYS A 50 -13.03 3.30 25.33
C LYS A 50 -12.44 4.02 24.10
N MET A 51 -11.78 3.25 23.20
CA MET A 51 -11.33 3.90 21.97
C MET A 51 -12.53 4.41 21.20
N ALA A 52 -12.46 5.68 20.78
CA ALA A 52 -13.54 6.32 20.07
C ALA A 52 -13.21 6.69 18.60
N ALA A 53 -11.93 6.87 18.30
CA ALA A 53 -11.50 7.22 16.94
C ALA A 53 -10.03 6.82 16.77
N PHE A 54 -9.63 6.67 15.50
CA PHE A 54 -8.21 6.43 15.21
C PHE A 54 -7.86 7.10 13.86
N ALA A 55 -6.55 7.34 13.71
CA ALA A 55 -6.02 7.90 12.44
C ALA A 55 -4.72 7.18 12.13
N ILE A 56 -4.62 6.71 10.88
CA ILE A 56 -3.45 5.92 10.39
C ILE A 56 -2.75 6.81 9.35
N THR A 57 -1.48 7.13 9.62
CA THR A 57 -0.74 8.06 8.76
C THR A 57 0.65 7.52 8.51
N GLN A 58 1.07 7.49 7.21
CA GLN A 58 2.41 7.08 6.88
C GLN A 58 3.20 8.37 6.66
N VAL A 59 4.41 8.45 7.20
CA VAL A 59 5.30 9.58 6.97
C VAL A 59 6.53 9.07 6.22
N VAL A 60 6.71 9.59 5.00
CA VAL A 60 7.84 9.22 4.12
C VAL A 60 8.65 10.49 3.87
N LEU A 61 9.88 10.53 4.35
CA LEU A 61 10.68 11.77 4.38
C LEU A 61 9.89 12.92 5.09
N ASP A 62 9.67 14.06 4.46
CA ASP A 62 8.93 15.19 5.04
C ASP A 62 7.49 15.29 4.50
N GLU A 63 6.92 14.18 4.04
CA GLU A 63 5.57 14.12 3.55
C GLU A 63 4.75 13.04 4.22
N ALA A 64 3.57 13.43 4.69
CA ALA A 64 2.71 12.51 5.40
C ALA A 64 1.46 12.23 4.58
N THR A 65 0.96 11.00 4.62
CA THR A 65 -0.24 10.62 3.96
C THR A 65 -1.18 9.93 4.95
N LEU A 66 -2.41 10.44 5.03
CA LEU A 66 -3.45 9.84 5.87
C LEU A 66 -4.04 8.64 5.10
N PHE A 67 -3.82 7.44 5.58
CA PHE A 67 -4.33 6.22 4.95
C PHE A 67 -5.78 5.93 5.39
N ASN A 68 -6.16 6.33 6.64
CA ASN A 68 -7.50 6.03 7.11
C ASN A 68 -7.74 6.82 8.40
N ILE A 69 -9.00 7.21 8.56
CA ILE A 69 -9.45 7.81 9.84
C ILE A 69 -10.87 7.37 10.00
N ALA A 70 -11.27 7.12 11.27
CA ALA A 70 -12.66 6.74 11.58
C ALA A 70 -12.99 7.19 12.97
N VAL A 71 -14.27 7.53 13.11
N VAL A 71 -14.27 7.53 13.11
CA VAL A 71 -14.87 7.78 14.45
CA VAL A 71 -14.87 7.79 14.44
C VAL A 71 -16.00 6.79 14.64
C VAL A 71 -15.99 6.78 14.64
N ASP A 72 -16.03 6.15 15.81
CA ASP A 72 -17.07 5.19 16.11
C ASP A 72 -18.45 5.89 16.06
N PRO A 73 -19.47 5.27 15.44
CA PRO A 73 -20.74 5.99 15.28
C PRO A 73 -21.44 6.46 16.56
N ASP A 74 -21.10 5.87 17.71
CA ASP A 74 -21.60 6.34 19.02
C ASP A 74 -21.01 7.66 19.46
N TYR A 75 -20.00 8.15 18.74
CA TYR A 75 -19.24 9.32 19.08
C TYR A 75 -19.22 10.40 17.97
N GLN A 76 -20.22 10.37 17.08
CA GLN A 76 -20.30 11.35 15.98
C GLN A 76 -20.75 12.76 16.44
N ARG A 77 -20.27 13.78 15.72
CA ARG A 77 -20.60 15.20 15.95
C ARG A 77 -20.09 15.70 17.29
N GLN A 78 -19.08 15.03 17.85
N GLN A 78 -19.11 15.00 17.88
CA GLN A 78 -18.52 15.39 19.16
CA GLN A 78 -18.54 15.39 19.18
C GLN A 78 -17.17 16.02 19.01
C GLN A 78 -17.16 16.00 19.01
N GLY A 79 -16.79 16.38 17.77
CA GLY A 79 -15.51 17.01 17.57
C GLY A 79 -14.31 16.11 17.60
N LEU A 80 -14.51 14.79 17.63
CA LEU A 80 -13.38 13.89 17.90
C LEU A 80 -12.49 13.72 16.70
N GLY A 81 -13.10 13.72 15.53
CA GLY A 81 -12.30 13.68 14.30
C GLY A 81 -11.40 14.90 14.16
N ARG A 82 -11.94 16.11 14.34
CA ARG A 82 -11.13 17.35 14.39
C ARG A 82 -10.06 17.29 15.42
N ALA A 83 -10.42 16.83 16.64
CA ALA A 83 -9.42 16.83 17.70
C ALA A 83 -8.24 15.97 17.29
N LEU A 84 -8.54 14.81 16.72
CA LEU A 84 -7.52 13.86 16.36
C LEU A 84 -6.67 14.41 15.16
N LEU A 85 -7.31 15.04 14.19
CA LEU A 85 -6.61 15.65 13.07
C LEU A 85 -5.74 16.80 13.51
N GLU A 86 -6.26 17.66 14.39
CA GLU A 86 -5.47 18.76 14.93
C GLU A 86 -4.20 18.29 15.66
N HIS A 87 -4.36 17.20 16.43
CA HIS A 87 -3.24 16.58 17.14
C HIS A 87 -2.18 16.11 16.11
N LEU A 88 -2.63 15.33 15.12
CA LEU A 88 -1.75 14.85 14.03
C LEU A 88 -1.01 16.00 13.36
N ILE A 89 -1.75 17.00 12.96
CA ILE A 89 -1.19 18.17 12.29
C ILE A 89 -0.12 18.85 13.16
N ASP A 90 -0.46 19.07 14.44
CA ASP A 90 0.49 19.64 15.36
C ASP A 90 1.80 18.82 15.51
N GLU A 91 1.65 17.51 15.66
N GLU A 91 1.65 17.51 15.66
CA GLU A 91 2.80 16.64 15.77
CA GLU A 91 2.79 16.62 15.79
C GLU A 91 3.64 16.67 14.49
C GLU A 91 3.63 16.57 14.50
N LEU A 92 2.98 16.61 13.34
CA LEU A 92 3.70 16.73 12.07
C LEU A 92 4.45 18.06 11.92
N GLU A 93 3.82 19.15 12.36
CA GLU A 93 4.46 20.45 12.33
C GLU A 93 5.71 20.46 13.23
N LYS A 94 5.60 19.91 14.45
CA LYS A 94 6.77 19.81 15.32
C LYS A 94 7.96 19.09 14.69
N ARG A 95 7.65 18.11 13.85
CA ARG A 95 8.66 17.28 13.16
C ARG A 95 9.15 17.88 11.85
N GLY A 96 8.62 19.04 11.47
CA GLY A 96 9.06 19.73 10.26
C GLY A 96 8.48 19.14 8.99
N VAL A 97 7.41 18.36 9.09
CA VAL A 97 6.80 17.75 7.90
C VAL A 97 6.19 18.84 7.04
N ALA A 98 6.43 18.75 5.74
CA ALA A 98 6.01 19.81 4.81
C ALA A 98 4.55 19.79 4.42
N THR A 99 4.01 18.61 4.15
N THR A 99 4.00 18.59 4.24
CA THR A 99 2.62 18.46 3.71
CA THR A 99 2.68 18.42 3.66
C THR A 99 1.99 17.24 4.33
C THR A 99 1.98 17.18 4.19
N LEU A 100 0.66 17.30 4.44
CA LEU A 100 -0.18 16.15 4.75
C LEU A 100 -1.18 15.98 3.59
N TRP A 101 -1.29 14.77 3.09
CA TRP A 101 -2.18 14.39 1.98
C TRP A 101 -3.24 13.42 2.46
N LEU A 102 -4.41 13.48 1.85
CA LEU A 102 -5.46 12.47 2.08
C LEU A 102 -6.31 12.31 0.85
N GLU A 103 -7.13 11.27 0.85
CA GLU A 103 -8.04 10.98 -0.24
C GLU A 103 -9.45 10.81 0.36
N VAL A 104 -10.46 11.38 -0.27
CA VAL A 104 -11.81 11.32 0.25
C VAL A 104 -12.79 11.07 -0.88
N ARG A 105 -13.75 10.19 -0.66
CA ARG A 105 -14.87 9.99 -1.58
C ARG A 105 -15.59 11.30 -1.86
N ALA A 106 -15.84 11.60 -3.13
CA ALA A 106 -16.44 12.88 -3.52
C ALA A 106 -17.82 13.15 -2.89
N SER A 107 -18.55 12.08 -2.56
CA SER A 107 -19.90 12.24 -1.99
C SER A 107 -19.87 12.66 -0.53
N ASN A 108 -18.72 12.62 0.13
CA ASN A 108 -18.63 13.01 1.54
C ASN A 108 -18.42 14.51 1.64
N ALA A 109 -19.48 15.24 1.33
CA ALA A 109 -19.43 16.71 1.33
C ALA A 109 -19.10 17.29 2.71
N ALA A 110 -19.63 16.66 3.76
CA ALA A 110 -19.38 17.10 5.14
C ALA A 110 -17.89 16.96 5.55
N ALA A 111 -17.25 15.82 5.24
CA ALA A 111 -15.85 15.65 5.57
C ALA A 111 -15.02 16.63 4.72
N ILE A 112 -15.36 16.81 3.45
CA ILE A 112 -14.62 17.77 2.58
C ILE A 112 -14.66 19.19 3.17
N ALA A 113 -15.85 19.63 3.56
CA ALA A 113 -16.04 20.94 4.18
C ALA A 113 -15.15 21.10 5.45
N LEU A 114 -15.15 20.07 6.30
CA LEU A 114 -14.32 20.07 7.50
C LEU A 114 -12.82 20.20 7.13
N TYR A 115 -12.36 19.39 6.16
CA TYR A 115 -10.96 19.44 5.76
C TYR A 115 -10.61 20.82 5.21
N GLU A 116 -11.51 21.42 4.44
CA GLU A 116 -11.22 22.75 3.90
C GLU A 116 -11.04 23.73 5.05
N SER A 117 -11.87 23.61 6.09
CA SER A 117 -11.78 24.53 7.25
C SER A 117 -10.46 24.37 8.02
N LEU A 118 -9.82 23.19 7.91
CA LEU A 118 -8.52 22.97 8.49
C LEU A 118 -7.34 23.41 7.62
N GLY A 119 -7.63 23.88 6.41
CA GLY A 119 -6.61 24.41 5.50
C GLY A 119 -6.32 23.53 4.31
N PHE A 120 -6.99 22.37 4.19
CA PHE A 120 -6.73 21.48 3.03
C PHE A 120 -7.25 22.10 1.72
N ASN A 121 -6.52 21.88 0.62
CA ASN A 121 -6.89 22.34 -0.72
C ASN A 121 -7.07 21.09 -1.57
N GLU A 122 -8.04 21.06 -2.46
CA GLU A 122 -8.11 20.01 -3.51
C GLU A 122 -6.87 20.10 -4.40
N ALA A 123 -6.13 19.00 -4.53
CA ALA A 123 -4.94 18.94 -5.35
C ALA A 123 -5.34 18.37 -6.70
N THR A 124 -6.13 17.33 -6.70
CA THR A 124 -6.57 16.66 -7.90
C THR A 124 -7.76 15.75 -7.64
N ILE A 125 -8.36 15.28 -8.70
CA ILE A 125 -9.51 14.40 -8.69
C ILE A 125 -9.11 13.12 -9.39
N ARG A 126 -9.63 11.98 -8.92
CA ARG A 126 -9.40 10.68 -9.61
C ARG A 126 -10.74 10.17 -10.02
N ARG A 127 -11.06 10.25 -11.32
CA ARG A 127 -12.36 9.87 -11.83
C ARG A 127 -12.67 8.42 -11.53
N ASN A 128 -13.82 8.17 -10.91
CA ASN A 128 -14.35 6.82 -10.70
C ASN A 128 -13.39 5.89 -9.94
N TYR A 129 -12.58 6.49 -9.03
CA TYR A 129 -11.57 5.76 -8.29
C TYR A 129 -12.14 4.73 -7.32
N TYR A 130 -13.28 5.05 -6.71
CA TYR A 130 -13.83 4.22 -5.66
C TYR A 130 -15.06 3.49 -6.13
N PRO A 131 -15.24 2.25 -5.63
CA PRO A 131 -16.54 1.60 -5.85
C PRO A 131 -17.62 2.16 -4.94
N THR A 132 -18.83 2.19 -5.44
CA THR A 132 -20.00 2.38 -4.60
C THR A 132 -20.93 1.18 -4.67
N THR A 133 -21.98 1.25 -3.87
CA THR A 133 -23.07 0.30 -3.92
C THR A 133 -23.90 0.41 -5.18
N ASP A 134 -23.76 1.50 -5.93
CA ASP A 134 -24.50 1.74 -7.18
C ASP A 134 -23.63 1.59 -8.42
N GLY A 135 -22.40 2.07 -8.38
CA GLY A 135 -21.41 1.94 -9.44
C GLY A 135 -20.03 2.42 -8.98
N ARG A 136 -19.63 3.63 -9.39
CA ARG A 136 -18.31 4.20 -9.01
C ARG A 136 -18.40 5.69 -8.64
N GLU A 137 -17.47 6.20 -7.83
CA GLU A 137 -17.40 7.62 -7.51
C GLU A 137 -15.97 8.11 -7.48
N ASP A 138 -15.82 9.41 -7.66
CA ASP A 138 -14.52 10.03 -7.69
C ASP A 138 -13.89 10.07 -6.31
N ALA A 139 -12.58 10.07 -6.31
CA ALA A 139 -11.75 10.40 -5.15
C ALA A 139 -11.26 11.83 -5.30
N ILE A 140 -11.26 12.57 -4.20
CA ILE A 140 -10.68 13.91 -4.18
C ILE A 140 -9.40 13.75 -3.39
N ILE A 141 -8.29 14.15 -3.94
CA ILE A 141 -7.01 14.17 -3.26
C ILE A 141 -6.87 15.57 -2.72
N MET A 142 -6.66 15.68 -1.40
CA MET A 142 -6.45 16.97 -0.75
C MET A 142 -5.07 17.05 -0.11
N ALA A 143 -4.54 18.28 -0.08
CA ALA A 143 -3.23 18.55 0.51
C ALA A 143 -3.28 19.73 1.49
N LEU A 144 -2.58 19.57 2.61
CA LEU A 144 -2.42 20.60 3.60
C LEU A 144 -0.93 20.93 3.76
N PRO A 145 -0.54 22.16 3.38
CA PRO A 145 0.82 22.62 3.73
C PRO A 145 0.91 22.79 5.26
N ILE A 146 2.01 22.32 5.84
CA ILE A 146 2.24 22.40 7.25
C ILE A 146 3.46 23.29 7.54
N SER A 147 4.66 22.77 7.36
CA SER A 147 5.86 23.45 7.81
C SER A 147 6.43 24.40 6.73
N MET A 148 7.05 25.45 7.22
CA MET A 148 7.74 26.40 6.39
C MET A 148 9.23 26.01 6.21
N ALA A 149 9.77 26.42 5.09
CA ALA A 149 11.18 26.28 4.86
C ALA A 149 11.95 27.36 5.62
N GLY A 150 13.17 27.05 6.00
CA GLY A 150 13.95 27.95 6.78
C GLY A 150 15.26 28.47 6.28
N GLU A 151 15.69 27.99 5.10
CA GLU A 151 16.96 28.48 4.56
C GLU A 151 16.91 29.91 4.07
N ASN A 152 15.82 30.31 3.45
CA ASN A 152 15.61 31.68 3.10
C ASN A 152 16.72 32.13 2.14
N LEU A 153 17.20 33.32 2.31
CA LEU A 153 18.16 33.93 1.43
C LEU A 153 19.54 33.66 1.93
N TYR A 154 20.44 33.38 1.00
CA TYR A 154 21.84 33.16 1.34
C TYR A 154 22.72 34.33 1.10
N PHE A 155 23.58 34.58 2.09
CA PHE A 155 24.63 35.57 2.02
C PHE A 155 25.96 34.98 2.45
N GLN A 156 27.06 35.45 1.80
CA GLN A 156 28.43 34.97 2.08
C GLN A 156 29.40 36.11 2.42
N MET B 1 14.44 -1.23 -27.23
CA MET B 1 13.19 -0.59 -26.69
C MET B 1 12.46 -1.60 -25.79
N ASN B 2 11.83 -1.14 -24.69
CA ASN B 2 11.05 -2.02 -23.80
C ASN B 2 9.52 -1.68 -23.76
N THR B 3 8.71 -2.70 -23.58
CA THR B 3 7.23 -2.56 -23.44
C THR B 3 6.73 -3.44 -22.27
N ILE B 4 5.68 -3.05 -21.56
CA ILE B 4 5.07 -3.92 -20.52
C ILE B 4 3.62 -4.12 -20.90
N SER B 5 3.14 -5.35 -20.84
CA SER B 5 1.77 -5.68 -21.21
C SER B 5 1.30 -6.93 -20.47
N SER B 6 0.03 -7.27 -20.64
N SER B 6 0.03 -7.27 -20.64
N SER B 6 0.04 -7.27 -20.66
CA SER B 6 -0.55 -8.48 -20.06
CA SER B 6 -0.54 -8.47 -20.05
CA SER B 6 -0.51 -8.48 -20.07
C SER B 6 0.16 -9.75 -20.55
C SER B 6 0.14 -9.75 -20.56
C SER B 6 0.19 -9.75 -20.57
N LEU B 7 0.36 -10.69 -19.63
CA LEU B 7 0.85 -12.02 -19.94
C LEU B 7 -0.38 -12.88 -20.19
N GLU B 8 -0.51 -13.36 -21.42
CA GLU B 8 -1.63 -14.19 -21.81
C GLU B 8 -1.20 -15.67 -21.80
N THR B 9 -2.19 -16.55 -21.92
CA THR B 9 -1.96 -18.02 -21.93
C THR B 9 -0.95 -18.45 -23.01
N THR B 10 -1.10 -17.84 -24.20
CA THR B 10 -0.16 -18.03 -25.31
C THR B 10 1.26 -17.55 -25.02
N ASP B 11 1.43 -16.70 -23.99
CA ASP B 11 2.76 -16.26 -23.58
C ASP B 11 3.44 -17.18 -22.57
N LEU B 12 2.75 -18.20 -22.06
CA LEU B 12 3.33 -19.05 -20.99
C LEU B 12 4.58 -19.88 -21.43
N PRO B 13 4.66 -20.34 -22.70
CA PRO B 13 5.93 -20.95 -23.05
C PRO B 13 7.15 -20.04 -22.94
N ALA B 14 7.03 -18.80 -23.38
CA ALA B 14 8.11 -17.84 -23.22
C ALA B 14 8.39 -17.56 -21.73
N ALA B 15 7.35 -17.42 -20.89
CA ALA B 15 7.56 -17.21 -19.46
C ALA B 15 8.21 -18.46 -18.79
N TYR B 16 7.77 -19.68 -19.17
CA TYR B 16 8.40 -20.91 -18.65
C TYR B 16 9.86 -20.97 -19.06
N HIS B 17 10.18 -20.60 -20.30
CA HIS B 17 11.58 -20.54 -20.72
C HIS B 17 12.42 -19.62 -19.86
N ILE B 18 11.89 -18.45 -19.47
CA ILE B 18 12.60 -17.57 -18.53
C ILE B 18 12.75 -18.25 -17.18
N GLU B 19 11.67 -18.82 -16.68
CA GLU B 19 11.72 -19.49 -15.36
C GLU B 19 12.87 -20.54 -15.28
N GLN B 20 13.04 -21.35 -16.34
N GLN B 20 13.07 -21.32 -16.34
CA GLN B 20 14.13 -22.36 -16.43
CA GLN B 20 14.11 -22.36 -16.39
C GLN B 20 15.53 -21.77 -16.36
C GLN B 20 15.54 -21.79 -16.40
N ARG B 21 15.71 -20.60 -16.98
CA ARG B 21 16.96 -19.89 -17.04
C ARG B 21 17.27 -19.09 -15.82
N ALA B 22 16.22 -18.52 -15.19
CA ALA B 22 16.40 -17.59 -14.09
C ALA B 22 16.39 -18.21 -12.71
N HIS B 23 15.60 -19.26 -12.54
CA HIS B 23 15.32 -19.81 -11.17
C HIS B 23 15.87 -21.22 -10.97
N ALA B 24 16.68 -21.40 -9.92
CA ALA B 24 17.25 -22.73 -9.61
C ALA B 24 16.22 -23.76 -9.17
N PHE B 25 15.08 -23.29 -8.61
CA PHE B 25 13.99 -24.12 -8.12
C PHE B 25 12.74 -23.80 -8.90
N PRO B 26 12.70 -24.17 -10.18
CA PRO B 26 11.61 -23.71 -11.04
C PRO B 26 10.27 -24.39 -10.79
N TRP B 27 9.19 -23.63 -11.01
CA TRP B 27 7.86 -24.20 -11.22
C TRP B 27 7.84 -25.19 -12.39
N SER B 28 6.99 -26.19 -12.30
CA SER B 28 6.61 -27.01 -13.43
C SER B 28 5.72 -26.21 -14.40
N GLU B 29 5.63 -26.68 -15.67
CA GLU B 29 4.68 -26.08 -16.63
C GLU B 29 3.23 -26.09 -16.13
N LYS B 30 2.85 -27.17 -15.42
CA LYS B 30 1.50 -27.33 -14.93
C LYS B 30 1.21 -26.26 -13.88
N THR B 31 2.22 -25.94 -13.08
CA THR B 31 2.06 -24.91 -12.06
C THR B 31 1.93 -23.49 -12.69
N PHE B 32 2.70 -23.22 -13.77
CA PHE B 32 2.50 -21.95 -14.48
C PHE B 32 1.10 -21.90 -15.01
N ALA B 33 0.65 -22.98 -15.67
CA ALA B 33 -0.74 -23.02 -16.19
C ALA B 33 -1.83 -22.77 -15.14
N SER B 34 -1.57 -23.25 -13.93
N SER B 34 -1.58 -23.21 -13.92
CA SER B 34 -2.48 -23.09 -12.78
CA SER B 34 -2.58 -23.09 -12.85
C SER B 34 -2.64 -21.64 -12.37
C SER B 34 -2.58 -21.71 -12.19
N ASN B 35 -1.51 -20.93 -12.36
CA ASN B 35 -1.46 -19.54 -11.90
C ASN B 35 -1.89 -18.52 -12.99
N GLN B 36 -3.10 -18.69 -13.51
CA GLN B 36 -3.67 -17.79 -14.52
C GLN B 36 -5.22 -17.71 -14.38
N GLY B 37 -5.83 -16.71 -14.99
CA GLY B 37 -7.28 -16.59 -15.06
C GLY B 37 -7.84 -15.37 -14.35
N GLU B 38 -9.11 -15.43 -14.02
CA GLU B 38 -9.84 -14.27 -13.52
C GLU B 38 -9.23 -13.69 -12.22
N ARG B 39 -8.58 -14.56 -11.43
CA ARG B 39 -7.98 -14.17 -10.14
C ARG B 39 -6.59 -13.53 -10.32
N TYR B 40 -6.09 -13.43 -11.58
CA TYR B 40 -4.73 -12.98 -11.83
C TYR B 40 -4.62 -11.66 -12.58
N LEU B 41 -3.58 -10.92 -12.24
CA LEU B 41 -3.17 -9.76 -12.98
C LEU B 41 -1.69 -9.93 -13.33
N ASN B 42 -1.44 -10.65 -14.43
CA ASN B 42 -0.09 -11.05 -14.75
C ASN B 42 0.45 -10.15 -15.85
N PHE B 43 1.74 -9.87 -15.76
CA PHE B 43 2.42 -8.93 -16.69
C PHE B 43 3.71 -9.53 -17.25
N GLN B 44 4.05 -9.09 -18.46
CA GLN B 44 5.35 -9.40 -19.09
C GLN B 44 5.99 -8.11 -19.51
N LEU B 45 7.32 -8.15 -19.60
CA LEU B 45 8.11 -6.99 -20.10
C LEU B 45 8.91 -7.55 -21.26
N THR B 46 8.81 -6.88 -22.41
N THR B 46 8.75 -6.95 -22.43
CA THR B 46 9.40 -7.33 -23.66
CA THR B 46 9.48 -7.33 -23.64
C THR B 46 10.40 -6.25 -24.09
C THR B 46 10.48 -6.25 -23.97
N GLN B 47 11.57 -6.68 -24.59
CA GLN B 47 12.64 -5.81 -25.10
C GLN B 47 12.82 -6.19 -26.58
N ASN B 48 12.52 -5.28 -27.48
CA ASN B 48 12.67 -5.57 -28.93
C ASN B 48 11.92 -6.82 -29.37
N GLY B 49 10.74 -6.99 -28.80
CA GLY B 49 9.83 -8.12 -29.12
C GLY B 49 10.08 -9.44 -28.39
N LYS B 50 11.14 -9.52 -27.58
CA LYS B 50 11.51 -10.74 -26.88
C LYS B 50 11.14 -10.59 -25.40
N MET B 51 10.44 -11.57 -24.85
CA MET B 51 10.10 -11.47 -23.43
C MET B 51 11.38 -11.47 -22.59
N ALA B 52 11.51 -10.48 -21.68
CA ALA B 52 12.67 -10.34 -20.85
C ALA B 52 12.36 -10.63 -19.36
N ALA B 53 11.10 -10.44 -18.93
CA ALA B 53 10.71 -10.61 -17.52
C ALA B 53 9.23 -10.87 -17.46
N PHE B 54 8.80 -11.49 -16.33
CA PHE B 54 7.37 -11.64 -16.09
C PHE B 54 7.07 -11.52 -14.57
N ALA B 55 5.80 -11.25 -14.28
CA ALA B 55 5.34 -11.16 -12.87
C ALA B 55 3.95 -11.77 -12.83
N ILE B 56 3.76 -12.70 -11.89
CA ILE B 56 2.51 -13.42 -11.72
C ILE B 56 1.92 -13.00 -10.34
N THR B 57 0.74 -12.42 -10.38
CA THR B 57 0.10 -11.86 -9.18
C THR B 57 -1.37 -12.28 -9.12
N GLN B 58 -1.79 -12.78 -7.96
CA GLN B 58 -3.19 -13.09 -7.71
C GLN B 58 -3.82 -11.85 -7.02
N VAL B 59 -4.97 -11.40 -7.51
CA VAL B 59 -5.72 -10.32 -6.81
C VAL B 59 -7.03 -10.91 -6.36
N VAL B 60 -7.24 -10.93 -5.03
CA VAL B 60 -8.44 -11.53 -4.41
C VAL B 60 -9.08 -10.40 -3.60
N LEU B 61 -10.28 -9.98 -3.99
CA LEU B 61 -10.89 -8.80 -3.34
C LEU B 61 -9.90 -7.61 -3.52
N ASP B 62 -9.50 -6.94 -2.43
CA ASP B 62 -8.60 -5.79 -2.51
C ASP B 62 -7.19 -6.12 -2.02
N GLU B 63 -6.80 -7.38 -2.14
CA GLU B 63 -5.46 -7.81 -1.71
C GLU B 63 -4.78 -8.58 -2.84
N ALA B 64 -3.54 -8.21 -3.09
CA ALA B 64 -2.75 -8.82 -4.15
C ALA B 64 -1.63 -9.62 -3.51
N THR B 65 -1.28 -10.74 -4.15
CA THR B 65 -0.15 -11.55 -3.72
C THR B 65 0.71 -11.89 -4.96
N LEU B 66 1.98 -11.52 -4.85
CA LEU B 66 2.96 -11.85 -5.92
C LEU B 66 3.34 -13.33 -5.75
N PHE B 67 2.98 -14.16 -6.73
CA PHE B 67 3.31 -15.57 -6.70
C PHE B 67 4.69 -15.89 -7.30
N ASN B 68 5.13 -15.04 -8.25
CA ASN B 68 6.43 -15.29 -8.89
C ASN B 68 6.83 -14.11 -9.75
N ILE B 69 8.13 -13.84 -9.80
CA ILE B 69 8.64 -12.79 -10.66
C ILE B 69 10.04 -13.27 -11.09
N ALA B 70 10.38 -13.03 -12.36
CA ALA B 70 11.69 -13.43 -12.90
C ALA B 70 12.12 -12.52 -14.01
N VAL B 71 13.42 -12.31 -14.04
CA VAL B 71 14.08 -11.61 -15.16
C VAL B 71 15.07 -12.58 -15.80
N ASP B 72 15.03 -12.64 -17.13
CA ASP B 72 15.92 -13.55 -17.85
C ASP B 72 17.37 -13.14 -17.55
N PRO B 73 18.27 -14.12 -17.37
CA PRO B 73 19.66 -13.79 -17.01
C PRO B 73 20.41 -12.84 -17.95
N ASP B 74 20.01 -12.80 -19.21
CA ASP B 74 20.62 -11.90 -20.22
C ASP B 74 20.24 -10.45 -20.00
N TYR B 75 19.15 -10.25 -19.26
CA TYR B 75 18.61 -8.94 -19.11
C TYR B 75 18.77 -8.36 -17.62
N GLN B 76 19.68 -8.90 -16.80
N GLN B 76 19.61 -8.98 -16.75
CA GLN B 76 19.85 -8.53 -15.37
CA GLN B 76 19.95 -8.52 -15.35
C GLN B 76 20.70 -7.24 -15.00
C GLN B 76 20.60 -7.12 -15.09
N ARG B 77 20.27 -6.54 -13.94
CA ARG B 77 20.76 -5.18 -13.52
C ARG B 77 20.47 -4.05 -14.50
N GLN B 78 19.55 -4.31 -15.45
CA GLN B 78 19.21 -3.40 -16.54
C GLN B 78 17.94 -2.68 -16.10
N GLY B 79 17.58 -2.78 -14.80
CA GLY B 79 16.42 -2.09 -14.27
C GLY B 79 15.05 -2.66 -14.60
N LEU B 80 15.03 -3.84 -15.24
CA LEU B 80 13.79 -4.36 -15.78
C LEU B 80 12.90 -4.95 -14.69
N GLY B 81 13.48 -5.66 -13.74
CA GLY B 81 12.69 -6.22 -12.65
C GLY B 81 11.99 -5.10 -11.85
N ARG B 82 12.75 -4.08 -11.50
N ARG B 82 12.75 -4.07 -11.52
CA ARG B 82 12.26 -2.88 -10.83
CA ARG B 82 12.23 -2.91 -10.81
C ARG B 82 11.16 -2.21 -11.67
C ARG B 82 11.18 -2.15 -11.65
N ALA B 83 11.43 -2.02 -12.97
CA ALA B 83 10.42 -1.43 -13.89
C ALA B 83 9.07 -2.21 -13.86
N LEU B 84 9.18 -3.52 -13.91
CA LEU B 84 8.01 -4.38 -13.92
C LEU B 84 7.20 -4.29 -12.61
N LEU B 85 7.91 -4.31 -11.49
CA LEU B 85 7.29 -4.11 -10.19
C LEU B 85 6.60 -2.77 -10.05
N GLU B 86 7.25 -1.72 -10.53
CA GLU B 86 6.66 -0.38 -10.45
C GLU B 86 5.36 -0.36 -11.24
N HIS B 87 5.39 -0.95 -12.46
CA HIS B 87 4.18 -1.08 -13.26
C HIS B 87 3.05 -1.81 -12.51
N LEU B 88 3.37 -2.98 -11.98
CA LEU B 88 2.40 -3.74 -11.16
C LEU B 88 1.80 -2.90 -10.00
N ILE B 89 2.66 -2.23 -9.24
CA ILE B 89 2.22 -1.50 -8.03
C ILE B 89 1.35 -0.33 -8.52
N ASP B 90 1.73 0.35 -9.61
CA ASP B 90 0.91 1.41 -10.15
C ASP B 90 -0.46 0.91 -10.60
N GLU B 91 -0.51 -0.22 -11.29
CA GLU B 91 -1.79 -0.77 -11.77
C GLU B 91 -2.65 -1.14 -10.57
N LEU B 92 -2.04 -1.76 -9.58
CA LEU B 92 -2.80 -2.07 -8.36
C LEU B 92 -3.35 -0.83 -7.63
N GLU B 93 -2.54 0.21 -7.54
CA GLU B 93 -2.97 1.49 -6.96
C GLU B 93 -4.14 2.07 -7.72
N LYS B 94 -4.07 2.04 -9.04
CA LYS B 94 -5.16 2.55 -9.88
C LYS B 94 -6.48 1.82 -9.66
N ARG B 95 -6.41 0.55 -9.27
N ARG B 95 -6.39 0.53 -9.29
CA ARG B 95 -7.60 -0.31 -9.03
CA ARG B 95 -7.53 -0.35 -9.04
C ARG B 95 -8.02 -0.30 -7.54
C ARG B 95 -8.05 -0.24 -7.57
N GLY B 96 -7.34 0.52 -6.73
CA GLY B 96 -7.70 0.67 -5.31
C GLY B 96 -7.33 -0.54 -4.48
N VAL B 97 -6.36 -1.34 -4.91
CA VAL B 97 -5.92 -2.49 -4.14
C VAL B 97 -5.24 -1.98 -2.87
N ALA B 98 -5.58 -2.60 -1.73
CA ALA B 98 -5.09 -2.17 -0.43
C ALA B 98 -3.66 -2.52 -0.13
N THR B 99 -3.27 -3.77 -0.42
N THR B 99 -3.26 -3.74 -0.50
CA THR B 99 -1.93 -4.25 -0.05
CA THR B 99 -1.99 -4.27 -0.07
C THR B 99 -1.46 -5.23 -1.13
C THR B 99 -1.47 -5.18 -1.18
N LEU B 100 -0.14 -5.33 -1.23
CA LEU B 100 0.55 -6.34 -2.06
C LEU B 100 1.49 -7.09 -1.13
N TRP B 101 1.40 -8.39 -1.15
CA TRP B 101 2.22 -9.28 -0.33
C TRP B 101 3.13 -10.11 -1.21
N LEU B 102 4.29 -10.45 -0.69
CA LEU B 102 5.20 -11.40 -1.41
C LEU B 102 5.97 -12.20 -0.42
N GLU B 103 6.65 -13.23 -0.89
CA GLU B 103 7.47 -14.07 -0.05
C GLU B 103 8.84 -14.20 -0.74
N VAL B 104 9.91 -14.12 0.03
CA VAL B 104 11.27 -14.13 -0.50
C VAL B 104 12.16 -14.97 0.39
N ARG B 105 13.06 -15.71 -0.24
CA ARG B 105 14.10 -16.44 0.45
C ARG B 105 14.99 -15.47 1.21
N ALA B 106 15.28 -15.81 2.47
CA ALA B 106 16.03 -14.93 3.37
C ALA B 106 17.43 -14.62 2.88
N SER B 107 18.02 -15.50 2.06
CA SER B 107 19.36 -15.25 1.52
C SER B 107 19.44 -14.18 0.41
N ASN B 108 18.30 -13.80 -0.16
CA ASN B 108 18.27 -12.83 -1.24
C ASN B 108 18.25 -11.41 -0.63
N ALA B 109 19.39 -11.05 -0.05
CA ALA B 109 19.56 -9.77 0.62
C ALA B 109 19.32 -8.62 -0.34
N ALA B 110 19.83 -8.76 -1.57
CA ALA B 110 19.66 -7.70 -2.58
C ALA B 110 18.20 -7.49 -2.98
N ALA B 111 17.42 -8.56 -3.21
CA ALA B 111 16.00 -8.42 -3.52
C ALA B 111 15.27 -7.80 -2.35
N ILE B 112 15.57 -8.28 -1.14
CA ILE B 112 14.92 -7.72 0.07
C ILE B 112 15.19 -6.21 0.20
N ALA B 113 16.42 -5.79 -0.01
CA ALA B 113 16.75 -4.35 -0.10
C ALA B 113 15.92 -3.59 -1.16
N LEU B 114 15.83 -4.14 -2.37
CA LEU B 114 15.01 -3.52 -3.45
C LEU B 114 13.55 -3.36 -2.95
N TYR B 115 12.99 -4.45 -2.43
CA TYR B 115 11.61 -4.42 -1.93
C TYR B 115 11.43 -3.36 -0.85
N GLU B 116 12.36 -3.29 0.11
N GLU B 116 12.37 -3.30 0.10
CA GLU B 116 12.33 -2.23 1.14
CA GLU B 116 12.29 -2.30 1.17
C GLU B 116 12.23 -0.88 0.51
C GLU B 116 12.34 -0.86 0.61
N SER B 117 13.08 -0.62 -0.48
CA SER B 117 13.14 0.68 -1.17
C SER B 117 11.85 1.05 -1.95
N LEU B 118 11.06 0.03 -2.31
CA LEU B 118 9.71 0.24 -2.84
C LEU B 118 8.61 0.42 -1.78
N GLY B 119 8.95 0.21 -0.51
CA GLY B 119 8.05 0.43 0.63
C GLY B 119 7.54 -0.82 1.30
N PHE B 120 8.02 -1.99 0.94
CA PHE B 120 7.64 -3.24 1.59
C PHE B 120 8.28 -3.32 2.99
N ASN B 121 7.56 -3.96 3.89
CA ASN B 121 8.03 -4.23 5.24
C ASN B 121 7.89 -5.70 5.55
N GLU B 122 8.85 -6.22 6.31
CA GLU B 122 8.79 -7.59 6.79
C GLU B 122 7.56 -7.76 7.70
N ALA B 123 6.78 -8.80 7.41
CA ALA B 123 5.62 -9.13 8.22
C ALA B 123 5.79 -10.43 8.99
N THR B 124 6.28 -11.50 8.40
CA THR B 124 6.36 -12.84 9.01
C THR B 124 7.67 -13.44 8.60
N ILE B 125 8.30 -14.22 9.45
CA ILE B 125 9.46 -15.05 9.14
C ILE B 125 9.01 -16.50 9.37
N ARG B 126 9.31 -17.34 8.38
CA ARG B 126 9.00 -18.77 8.36
C ARG B 126 10.29 -19.61 8.27
N ARG B 127 10.58 -20.36 9.33
CA ARG B 127 11.87 -21.04 9.48
C ARG B 127 12.01 -22.23 8.54
N ASN B 128 13.13 -22.29 7.83
CA ASN B 128 13.44 -23.40 6.91
C ASN B 128 12.29 -23.75 5.96
N TYR B 129 11.60 -22.70 5.50
CA TYR B 129 10.45 -22.90 4.63
C TYR B 129 10.87 -23.40 3.26
N TYR B 130 12.04 -22.96 2.76
CA TYR B 130 12.50 -23.31 1.41
C TYR B 130 13.73 -24.24 1.36
N PRO B 131 13.87 -25.07 0.30
CA PRO B 131 15.11 -25.84 0.00
C PRO B 131 16.19 -25.05 -0.80
N THR B 132 17.49 -25.42 -0.67
CA THR B 132 18.65 -24.71 -1.29
C THR B 132 19.71 -25.68 -1.87
N THR B 133 20.79 -25.15 -2.47
CA THR B 133 21.90 -26.01 -2.92
C THR B 133 22.49 -26.88 -1.79
N ASP B 134 22.63 -26.26 -0.60
CA ASP B 134 23.19 -26.93 0.58
C ASP B 134 22.16 -27.65 1.44
N GLY B 135 20.94 -27.15 1.50
CA GLY B 135 19.95 -27.72 2.43
C GLY B 135 18.62 -27.02 2.39
N ARG B 136 18.29 -26.23 3.43
CA ARG B 136 17.12 -25.30 3.43
C ARG B 136 17.33 -23.88 4.05
N GLU B 137 16.39 -22.96 3.81
CA GLU B 137 16.47 -21.57 4.30
C GLU B 137 15.11 -20.94 4.63
N ASP B 138 15.13 -19.85 5.41
CA ASP B 138 13.90 -19.17 5.86
C ASP B 138 13.21 -18.41 4.73
N ALA B 139 11.88 -18.24 4.89
CA ALA B 139 11.07 -17.36 4.01
C ALA B 139 10.70 -16.09 4.78
N ILE B 140 10.75 -14.95 4.13
CA ILE B 140 10.32 -13.68 4.67
C ILE B 140 9.08 -13.28 3.90
N ILE B 141 7.95 -13.07 4.54
CA ILE B 141 6.76 -12.55 3.96
C ILE B 141 6.84 -11.05 4.14
N MET B 142 6.64 -10.29 3.06
CA MET B 142 6.67 -8.85 3.10
C MET B 142 5.38 -8.27 2.54
N ALA B 143 4.99 -7.11 3.08
CA ALA B 143 3.73 -6.44 2.76
C ALA B 143 3.96 -4.97 2.38
N LEU B 144 3.29 -4.54 1.30
CA LEU B 144 3.33 -3.16 0.83
C LEU B 144 1.89 -2.59 0.90
N PRO B 145 1.64 -1.59 1.78
CA PRO B 145 0.44 -0.80 1.63
C PRO B 145 0.42 0.01 0.34
N ILE B 146 -0.70 -0.01 -0.35
CA ILE B 146 -0.84 0.70 -1.59
C ILE B 146 -1.89 1.80 -1.49
N SER B 147 -3.17 1.45 -1.46
CA SER B 147 -4.24 2.41 -1.59
C SER B 147 -4.77 2.91 -0.22
N MET B 148 -5.23 4.14 -0.23
CA MET B 148 -5.80 4.81 0.96
C MET B 148 -7.31 4.62 0.99
N ALA B 149 -7.86 4.63 2.21
CA ALA B 149 -9.28 4.56 2.37
C ALA B 149 -9.86 5.96 2.16
N GLY B 150 -11.08 6.02 1.70
CA GLY B 150 -11.69 7.28 1.37
C GLY B 150 -12.97 7.70 2.12
N GLU B 151 -13.52 6.84 2.97
CA GLU B 151 -14.75 7.20 3.65
C GLU B 151 -14.53 8.27 4.71
N ASN B 152 -13.43 8.23 5.42
CA ASN B 152 -13.05 9.26 6.36
C ASN B 152 -14.16 9.36 7.46
N LEU B 153 -14.52 10.56 7.80
CA LEU B 153 -15.47 10.86 8.89
C LEU B 153 -16.88 11.02 8.40
N TYR B 154 -17.83 10.48 9.15
CA TYR B 154 -19.24 10.75 8.96
C TYR B 154 -19.86 11.48 10.18
N PHE B 155 -21.02 12.06 9.97
CA PHE B 155 -21.64 12.99 10.92
C PHE B 155 -23.11 12.60 10.98
#